data_9NPH
#
_entry.id   9NPH
#
_cell.length_a   69.511
_cell.length_b   69.511
_cell.length_c   247.040
_cell.angle_alpha   90.000
_cell.angle_beta   90.000
_cell.angle_gamma   120.000
#
_symmetry.space_group_name_H-M   'P 31 2 1'
#
loop_
_entity.id
_entity.type
_entity.pdbx_description
1 polymer '1J11 Fab light chain'
2 polymer '1J11 Fab heavy chain'
3 polymer 'Major allergen Can f 1'
4 non-polymer 2-acetamido-2-deoxy-beta-D-glucopyranose
5 non-polymer '4-(2-HYDROXYETHYL)-1-PIPERAZINE ETHANESULFONIC ACID'
6 non-polymer 'SULFATE ION'
7 water water
#
loop_
_entity_poly.entity_id
_entity_poly.type
_entity_poly.pdbx_seq_one_letter_code
_entity_poly.pdbx_strand_id
1 'polypeptide(L)'
;SYELTQPPSVSVSPGQTANITCSGDKLGDKFTSWYQQRPGQSPVLVIYQDIERPSGIPERFSGSNSGNTATLTISGTQAL
DEADYYCQAWDTSTVVFGGGTRLTVLGQPKANPTVTLFPPSSEELQANKATLVCLISDFYPGAVTVAWKADGSPVKAGVE
TTKPSKQSNNKYAASSYLSLTPEQWKSHRSYSCQVTHEGSTVEKTVAPTECS
;
A
2 'polypeptide(L)'
;QVQLVESGGGVVQPGSSLRLSCAVSGFTVRSYGMHWVRQAPGKGLEWVALILFDGTTKHYADSVKGRFTISRDNSKDTLY
LQMTSLGAEDTAMYYCVRDFNQFVKRFVDGPAFDLWGQGTRVTVSSASTKGPSVFPLAPSSKSTSGGTAALGCLVKDYFP
EPVTVSWNSGALTSGVHTFPAVLQSSGLYSLSSVVTVPSSSLGTQTYICNVNHKPSNTKVDKKVEPKSCHHHHHH
;
B
3 'polypeptide(L)'
;GDTVAVSGKWYLKAMTADQEVPEKPDSVTPMILKAQKGGNLEAKITMLTNGQCQNITVVLHKTSEPGKYTAYEGQRVVFI
QPSPVRDHYILYSEGELHGRQIRMAKLLGRDPEQSQEALEDFREFSRAKGLNQEILELAQSETCSPGGQ
;
C
#
loop_
_chem_comp.id
_chem_comp.type
_chem_comp.name
_chem_comp.formula
EPE non-polymer '4-(2-HYDROXYETHYL)-1-PIPERAZINE ETHANESULFONIC ACID' 'C8 H18 N2 O4 S'
NAG D-saccharide, beta linking 2-acetamido-2-deoxy-beta-D-glucopyranose 'C8 H15 N O6'
SO4 non-polymer 'SULFATE ION' 'O4 S -2'
#
# COMPACT_ATOMS: atom_id res chain seq x y z
N SER A 1 3.16 6.82 -10.76
CA SER A 1 4.27 7.82 -10.79
C SER A 1 5.50 7.26 -10.07
N TYR A 2 5.88 7.89 -8.95
CA TYR A 2 7.07 7.42 -8.19
C TYR A 2 6.81 5.97 -7.76
N GLU A 3 7.76 5.10 -8.07
CA GLU A 3 7.59 3.65 -7.81
C GLU A 3 8.65 3.21 -6.79
N LEU A 4 8.22 2.48 -5.75
CA LEU A 4 9.17 1.84 -4.82
C LEU A 4 9.22 0.34 -5.12
N THR A 5 10.42 -0.21 -5.28
CA THR A 5 10.55 -1.56 -5.82
C THR A 5 11.12 -2.53 -4.79
N GLN A 6 10.37 -3.61 -4.56
CA GLN A 6 10.74 -4.60 -3.58
C GLN A 6 10.83 -5.96 -4.24
N PRO A 7 11.93 -6.72 -4.04
CA PRO A 7 11.93 -8.16 -4.31
C PRO A 7 10.69 -8.74 -3.67
N PRO A 8 9.92 -9.61 -4.37
CA PRO A 8 8.65 -10.12 -3.88
C PRO A 8 8.77 -11.00 -2.65
N SER A 9 9.89 -11.73 -2.55
CA SER A 9 10.10 -12.68 -1.46
C SER A 9 11.56 -12.70 -1.00
N VAL A 10 11.75 -13.33 0.14
CA VAL A 10 13.05 -13.49 0.75
C VAL A 10 12.84 -14.65 1.69
N SER A 11 13.81 -15.57 1.75
CA SER A 11 13.74 -16.59 2.76
C SER A 11 15.10 -16.78 3.43
N VAL A 12 15.04 -17.18 4.70
CA VAL A 12 16.17 -17.34 5.59
C VAL A 12 15.80 -18.43 6.58
N SER A 13 16.85 -19.09 7.07
CA SER A 13 16.79 -20.05 8.18
C SER A 13 16.80 -19.29 9.51
N PRO A 14 16.06 -19.75 10.54
CA PRO A 14 16.09 -19.08 11.84
C PRO A 14 17.51 -18.84 12.34
N GLY A 15 17.81 -17.59 12.68
CA GLY A 15 19.13 -17.17 13.19
C GLY A 15 19.87 -16.35 12.16
N GLN A 16 19.58 -16.59 10.89
CA GLN A 16 20.22 -15.91 9.78
C GLN A 16 19.70 -14.47 9.71
N THR A 17 20.56 -13.56 9.25
CA THR A 17 20.21 -12.17 9.08
C THR A 17 19.55 -12.01 7.72
N ALA A 18 18.31 -11.48 7.70
CA ALA A 18 17.58 -11.21 6.46
C ALA A 18 17.74 -9.75 6.04
N ASN A 19 18.06 -9.51 4.75
CA ASN A 19 18.04 -8.18 4.18
C ASN A 19 16.88 -8.04 3.22
N ILE A 20 16.31 -6.83 3.18
CA ILE A 20 15.10 -6.56 2.42
C ILE A 20 15.24 -5.17 1.83
N THR A 21 15.23 -5.09 0.49
CA THR A 21 15.54 -3.83 -0.14
C THR A 21 14.29 -3.23 -0.77
N CYS A 22 14.44 -1.91 -0.97
CA CYS A 22 13.38 -1.09 -1.56
C CYS A 22 14.11 -0.05 -2.44
N SER A 23 13.83 -0.02 -3.74
CA SER A 23 14.50 0.92 -4.65
C SER A 23 13.52 1.97 -5.15
N GLY A 24 14.06 3.18 -5.32
CA GLY A 24 13.38 4.28 -5.98
C GLY A 24 14.38 5.39 -6.32
N ASP A 25 13.98 6.26 -7.25
CA ASP A 25 14.84 7.34 -7.73
C ASP A 25 15.19 8.30 -6.60
N LYS A 26 16.48 8.31 -6.22
CA LYS A 26 17.03 9.19 -5.19
C LYS A 26 16.24 9.00 -3.90
N LEU A 27 15.97 7.74 -3.57
CA LEU A 27 15.22 7.37 -2.38
C LEU A 27 15.97 7.82 -1.13
N GLY A 28 17.30 7.90 -1.24
CA GLY A 28 18.17 8.37 -0.18
C GLY A 28 17.93 9.83 0.20
N ASP A 29 17.11 10.55 -0.57
CA ASP A 29 16.87 11.95 -0.26
C ASP A 29 15.60 12.10 0.57
N LYS A 30 14.92 10.99 0.81
CA LYS A 30 13.66 10.99 1.53
C LYS A 30 13.79 10.23 2.85
N PHE A 31 12.73 10.33 3.65
CA PHE A 31 12.58 9.47 4.82
C PHE A 31 11.75 8.26 4.43
N THR A 32 12.26 7.07 4.69
CA THR A 32 11.51 5.87 4.43
C THR A 32 10.98 5.32 5.77
N SER A 33 9.75 4.80 5.74
CA SER A 33 9.15 4.03 6.80
C SER A 33 9.12 2.56 6.43
N TRP A 34 9.12 1.65 7.43
CA TRP A 34 8.87 0.23 7.14
C TRP A 34 7.72 -0.31 8.00
N TYR A 35 6.91 -1.21 7.41
CA TYR A 35 5.73 -1.79 8.04
C TYR A 35 5.85 -3.29 7.99
N GLN A 36 5.42 -3.96 9.05
CA GLN A 36 5.38 -5.42 9.09
C GLN A 36 3.93 -5.84 9.11
N GLN A 37 3.58 -6.85 8.32
CA GLN A 37 2.21 -7.34 8.35
C GLN A 37 2.18 -8.87 8.37
N ARG A 38 1.70 -9.38 9.50
CA ARG A 38 1.54 -10.85 9.64
C ARG A 38 0.16 -11.21 9.07
N PRO A 39 -0.07 -12.47 8.68
CA PRO A 39 -1.33 -12.84 8.05
C PRO A 39 -2.59 -12.60 8.87
N GLY A 40 -3.60 -11.99 8.25
CA GLY A 40 -4.90 -11.75 8.93
C GLY A 40 -4.85 -10.61 9.90
N GLN A 41 -3.86 -9.72 9.77
CA GLN A 41 -3.68 -8.66 10.77
C GLN A 41 -3.18 -7.33 10.17
N SER A 42 -3.31 -6.28 10.98
CA SER A 42 -3.02 -4.92 10.56
C SER A 42 -1.51 -4.72 10.47
N PRO A 43 -1.01 -3.86 9.55
CA PRO A 43 0.43 -3.60 9.47
C PRO A 43 0.93 -2.96 10.78
N VAL A 44 2.20 -3.19 11.10
CA VAL A 44 2.80 -2.58 12.26
C VAL A 44 4.04 -1.81 11.84
N LEU A 45 4.18 -0.59 12.33
CA LEU A 45 5.32 0.23 11.98
C LEU A 45 6.56 -0.33 12.66
N VAL A 46 7.64 -0.61 11.93
CA VAL A 46 8.89 -1.08 12.54
C VAL A 46 10.06 -0.12 12.38
N ILE A 47 10.02 0.79 11.40
CA ILE A 47 11.11 1.72 11.18
C ILE A 47 10.53 2.99 10.60
N TYR A 48 11.06 4.12 11.03
CA TYR A 48 10.63 5.39 10.48
C TYR A 48 11.85 6.29 10.42
N GLN A 49 11.74 7.33 9.60
CA GLN A 49 12.86 8.19 9.29
C GLN A 49 14.11 7.34 9.06
N ASP A 50 13.99 6.33 8.17
CA ASP A 50 15.11 5.52 7.71
C ASP A 50 15.68 4.58 8.77
N ILE A 51 15.99 5.08 9.98
CA ILE A 51 16.78 4.32 10.93
C ILE A 51 16.13 4.20 12.30
N GLU A 52 15.09 4.97 12.59
CA GLU A 52 14.55 5.07 13.93
C GLU A 52 13.53 3.97 14.16
N ARG A 53 13.38 3.59 15.43
CA ARG A 53 12.57 2.43 15.81
C ARG A 53 11.51 2.83 16.83
N PRO A 54 10.19 2.59 16.62
CA PRO A 54 9.19 2.85 17.65
C PRO A 54 9.46 1.90 18.84
N SER A 55 9.06 2.32 20.03
CA SER A 55 9.19 1.43 21.17
C SER A 55 8.23 0.26 20.94
N GLY A 56 8.60 -0.88 21.50
CA GLY A 56 7.84 -2.09 21.25
C GLY A 56 8.50 -2.90 20.17
N ILE A 57 9.39 -2.30 19.37
CA ILE A 57 10.05 -3.01 18.29
C ILE A 57 11.48 -3.42 18.69
N PRO A 58 11.83 -4.72 18.56
CA PRO A 58 13.15 -5.20 18.97
C PRO A 58 14.34 -4.69 18.16
N GLU A 59 15.51 -4.68 18.79
CA GLU A 59 16.74 -4.02 18.26
C GLU A 59 17.24 -4.77 17.02
N ARG A 60 16.86 -6.04 16.90
CA ARG A 60 17.27 -6.88 15.75
C ARG A 60 16.78 -6.23 14.46
N PHE A 61 15.82 -5.32 14.56
CA PHE A 61 15.31 -4.55 13.39
C PHE A 61 16.09 -3.24 13.30
N SER A 62 16.58 -2.94 12.09
CA SER A 62 17.31 -1.71 11.83
C SER A 62 17.20 -1.38 10.33
N GLY A 63 17.56 -0.15 9.95
CA GLY A 63 17.23 0.41 8.64
C GLY A 63 18.36 1.29 8.12
N SER A 64 18.54 1.35 6.79
CA SER A 64 19.38 2.41 6.23
C SER A 64 18.87 2.84 4.88
N ASN A 65 19.35 4.01 4.44
CA ASN A 65 18.87 4.63 3.24
C ASN A 65 20.02 5.43 2.63
N SER A 66 20.38 5.02 1.41
CA SER A 66 21.52 5.51 0.67
C SER A 66 21.25 5.41 -0.84
N GLY A 67 21.40 6.56 -1.54
CA GLY A 67 21.28 6.59 -2.99
C GLY A 67 19.85 6.32 -3.44
N ASN A 68 19.63 5.11 -3.97
CA ASN A 68 18.31 4.73 -4.44
C ASN A 68 17.79 3.53 -3.65
N THR A 69 18.49 3.19 -2.56
CA THR A 69 18.23 1.92 -1.85
C THR A 69 18.03 2.18 -0.37
N ALA A 70 16.87 1.81 0.14
CA ALA A 70 16.62 1.62 1.56
C ALA A 70 16.59 0.12 1.87
N THR A 71 17.24 -0.26 3.00
CA THR A 71 17.38 -1.66 3.39
C THR A 71 16.86 -1.84 4.81
N LEU A 72 15.97 -2.84 4.95
CA LEU A 72 15.54 -3.29 6.25
C LEU A 72 16.35 -4.53 6.59
N THR A 73 17.10 -4.47 7.69
CA THR A 73 17.91 -5.59 8.12
C THR A 73 17.34 -6.22 9.38
N ILE A 74 17.15 -7.54 9.34
CA ILE A 74 16.68 -8.25 10.52
C ILE A 74 17.76 -9.26 10.92
N SER A 75 18.51 -8.93 11.97
CA SER A 75 19.57 -9.81 12.43
C SER A 75 18.97 -10.86 13.36
N GLY A 76 19.63 -12.01 13.49
CA GLY A 76 19.15 -13.15 14.25
C GLY A 76 17.65 -13.37 14.10
N THR A 77 17.21 -13.60 12.86
CA THR A 77 15.79 -13.64 12.57
C THR A 77 15.08 -14.73 13.36
N GLN A 78 13.90 -14.36 13.88
CA GLN A 78 13.04 -15.27 14.64
C GLN A 78 11.89 -15.76 13.76
N ALA A 79 11.30 -16.89 14.14
CA ALA A 79 10.14 -17.48 13.49
C ALA A 79 8.98 -16.48 13.33
N LEU A 80 8.72 -15.70 14.37
CA LEU A 80 7.61 -14.76 14.36
C LEU A 80 7.92 -13.53 13.51
N ASP A 81 9.16 -13.40 13.02
CA ASP A 81 9.52 -12.36 12.07
C ASP A 81 8.96 -12.70 10.68
N GLU A 82 8.52 -13.93 10.49
CA GLU A 82 7.89 -14.30 9.24
C GLU A 82 6.70 -13.38 9.06
N ALA A 83 6.75 -12.52 8.04
CA ALA A 83 5.62 -11.66 7.68
C ALA A 83 5.88 -11.01 6.31
N ASP A 84 4.90 -10.22 5.85
CA ASP A 84 5.11 -9.32 4.69
C ASP A 84 5.64 -7.97 5.19
N TYR A 85 6.68 -7.46 4.51
CA TYR A 85 7.24 -6.17 4.83
C TYR A 85 7.02 -5.19 3.68
N TYR A 86 6.66 -3.94 4.01
CA TYR A 86 6.42 -2.83 3.07
C TYR A 86 7.28 -1.60 3.41
N CYS A 87 7.94 -1.06 2.38
CA CYS A 87 8.57 0.28 2.48
C CYS A 87 7.57 1.35 2.03
N GLN A 88 7.69 2.54 2.61
CA GLN A 88 6.88 3.72 2.19
C GLN A 88 7.77 4.96 2.21
N ALA A 89 7.44 5.93 1.37
CA ALA A 89 8.08 7.26 1.37
C ALA A 89 7.09 8.29 0.83
N TRP A 90 7.42 9.57 0.97
CA TRP A 90 6.55 10.64 0.43
C TRP A 90 7.19 11.23 -0.82
N ASP A 91 6.45 11.25 -1.93
CA ASP A 91 6.98 11.87 -3.17
C ASP A 91 6.42 13.28 -3.29
N THR A 92 5.34 13.43 -4.07
CA THR A 92 4.76 14.75 -4.29
C THR A 92 3.27 14.63 -4.12
N SER A 93 2.74 15.18 -3.03
CA SER A 93 1.29 15.06 -2.75
C SER A 93 0.90 13.58 -2.71
N THR A 94 1.87 12.68 -2.73
CA THR A 94 1.53 11.24 -2.78
C THR A 94 2.33 10.49 -1.75
N VAL A 95 1.68 9.53 -1.10
CA VAL A 95 2.33 8.55 -0.26
C VAL A 95 2.39 7.25 -1.06
N VAL A 96 3.58 6.63 -1.03
CA VAL A 96 3.92 5.51 -1.90
C VAL A 96 4.37 4.31 -1.07
N PHE A 97 3.71 3.17 -1.31
CA PHE A 97 4.10 1.89 -0.78
C PHE A 97 4.80 1.11 -1.89
N GLY A 98 5.90 0.44 -1.52
CA GLY A 98 6.46 -0.63 -2.33
C GLY A 98 5.50 -1.81 -2.32
N GLY A 99 5.83 -2.85 -3.08
CA GLY A 99 4.87 -3.87 -3.45
C GLY A 99 4.84 -4.96 -2.41
N GLY A 100 5.79 -4.89 -1.48
CA GLY A 100 5.85 -5.81 -0.35
C GLY A 100 6.77 -6.98 -0.66
N THR A 101 7.24 -7.65 0.41
CA THR A 101 8.25 -8.70 0.36
C THR A 101 7.84 -9.77 1.36
N ARG A 102 7.56 -10.99 0.91
CA ARG A 102 7.28 -12.08 1.88
C ARG A 102 8.61 -12.64 2.38
N LEU A 103 9.01 -12.21 3.57
CA LEU A 103 10.02 -12.91 4.35
C LEU A 103 9.42 -14.22 4.86
N THR A 104 9.95 -15.35 4.38
CA THR A 104 9.71 -16.63 5.03
C THR A 104 10.94 -16.94 5.91
N VAL A 105 10.65 -17.46 7.10
CA VAL A 105 11.66 -18.04 7.95
C VAL A 105 11.49 -19.54 7.84
N LEU A 106 12.51 -20.24 7.34
CA LEU A 106 12.29 -21.58 6.84
C LEU A 106 11.96 -22.52 8.00
N GLY A 107 10.88 -23.30 7.86
CA GLY A 107 10.52 -24.34 8.81
C GLY A 107 10.29 -25.67 8.09
N GLN A 108 10.76 -25.71 6.85
CA GLN A 108 10.49 -26.85 5.94
C GLN A 108 11.64 -26.90 4.94
N PRO A 109 11.99 -28.08 4.41
CA PRO A 109 12.80 -28.15 3.20
C PRO A 109 12.05 -27.38 2.12
N LYS A 110 12.81 -26.72 1.26
CA LYS A 110 12.29 -26.05 0.09
C LYS A 110 11.80 -27.11 -0.89
N ALA A 111 10.75 -26.72 -1.64
CA ALA A 111 10.11 -27.60 -2.61
C ALA A 111 9.73 -26.79 -3.85
N ASN A 112 10.28 -27.21 -5.01
CA ASN A 112 10.03 -26.48 -6.23
C ASN A 112 8.61 -26.77 -6.69
N PRO A 113 7.96 -25.77 -7.31
CA PRO A 113 6.59 -25.93 -7.80
C PRO A 113 6.60 -26.80 -9.04
N THR A 114 5.57 -27.65 -9.16
CA THR A 114 5.18 -28.26 -10.42
C THR A 114 4.04 -27.41 -10.97
N VAL A 115 4.05 -27.21 -12.28
CA VAL A 115 3.19 -26.25 -12.93
C VAL A 115 2.44 -26.93 -14.09
N THR A 116 1.13 -26.73 -14.18
CA THR A 116 0.29 -27.46 -15.12
C THR A 116 -0.58 -26.45 -15.85
N LEU A 117 -0.36 -26.29 -17.16
CA LEU A 117 -1.11 -25.31 -17.93
C LEU A 117 -2.09 -26.03 -18.88
N PHE A 118 -3.38 -25.78 -18.66
CA PHE A 118 -4.41 -26.31 -19.59
C PHE A 118 -4.87 -25.17 -20.49
N PRO A 119 -4.99 -25.42 -21.81
CA PRO A 119 -5.59 -24.45 -22.72
C PRO A 119 -7.10 -24.36 -22.54
N PRO A 120 -7.77 -23.40 -23.22
CA PRO A 120 -9.23 -23.41 -23.30
C PRO A 120 -9.78 -24.72 -23.88
N SER A 121 -10.97 -25.10 -23.43
CA SER A 121 -11.66 -26.35 -23.87
C SER A 121 -12.59 -26.02 -25.04
N SER A 122 -12.86 -26.98 -25.94
CA SER A 122 -13.72 -26.60 -27.06
C SER A 122 -15.10 -26.18 -26.57
N GLU A 123 -15.59 -26.77 -25.49
CA GLU A 123 -16.95 -26.50 -25.04
C GLU A 123 -17.04 -25.06 -24.51
N GLU A 124 -16.04 -24.67 -23.72
CA GLU A 124 -15.87 -23.27 -23.37
C GLU A 124 -15.90 -22.43 -24.64
N LEU A 125 -15.05 -22.75 -25.61
CA LEU A 125 -14.95 -21.93 -26.81
C LEU A 125 -16.30 -21.79 -27.52
N GLN A 126 -17.11 -22.87 -27.56
CA GLN A 126 -18.42 -22.85 -28.22
C GLN A 126 -19.36 -21.88 -27.50
N ALA A 127 -19.08 -21.59 -26.21
CA ALA A 127 -19.87 -20.65 -25.43
C ALA A 127 -19.20 -19.26 -25.43
N ASN A 128 -18.22 -19.07 -26.31
CA ASN A 128 -17.60 -17.79 -26.63
C ASN A 128 -16.79 -17.24 -25.45
N LYS A 129 -16.35 -18.13 -24.55
CA LYS A 129 -15.50 -17.75 -23.43
C LYS A 129 -14.14 -18.42 -23.62
N ALA A 130 -13.12 -18.03 -22.84
CA ALA A 130 -11.79 -18.64 -22.95
C ALA A 130 -10.96 -18.46 -21.67
N THR A 131 -10.65 -19.58 -21.00
CA THR A 131 -9.83 -19.58 -19.79
C THR A 131 -8.59 -20.46 -19.95
N LEU A 132 -7.41 -19.85 -19.77
CA LEU A 132 -6.23 -20.66 -19.59
C LEU A 132 -6.09 -20.92 -18.09
N VAL A 133 -5.72 -22.16 -17.75
CA VAL A 133 -5.69 -22.64 -16.38
C VAL A 133 -4.27 -23.10 -16.06
N CYS A 134 -3.72 -22.56 -14.98
CA CYS A 134 -2.33 -22.76 -14.62
C CYS A 134 -2.29 -23.17 -13.14
N LEU A 135 -2.01 -24.45 -12.90
CA LEU A 135 -2.11 -25.02 -11.54
C LEU A 135 -0.71 -25.25 -10.96
N ILE A 136 -0.42 -24.61 -9.82
CA ILE A 136 0.94 -24.60 -9.21
C ILE A 136 0.89 -25.41 -7.91
N SER A 137 1.73 -26.43 -7.78
CA SER A 137 1.55 -27.47 -6.74
C SER A 137 2.86 -27.74 -5.99
N ASP A 138 2.73 -28.14 -4.72
CA ASP A 138 3.80 -28.74 -3.93
C ASP A 138 5.03 -27.84 -3.82
N PHE A 139 4.86 -26.63 -3.30
CA PHE A 139 5.98 -25.70 -3.21
C PHE A 139 6.11 -25.12 -1.79
N TYR A 140 7.37 -24.84 -1.43
CA TYR A 140 7.73 -24.18 -0.18
C TYR A 140 9.03 -23.43 -0.42
N PRO A 141 9.15 -22.14 -0.01
CA PRO A 141 8.10 -21.43 0.71
C PRO A 141 6.83 -21.14 -0.08
N GLY A 142 5.76 -20.87 0.68
CA GLY A 142 4.45 -20.59 0.11
C GLY A 142 4.35 -19.13 -0.35
N ALA A 143 5.18 -18.78 -1.33
CA ALA A 143 5.16 -17.46 -1.98
C ALA A 143 5.62 -17.57 -3.43
N VAL A 144 4.74 -17.10 -4.33
CA VAL A 144 4.89 -17.26 -5.81
C VAL A 144 4.45 -15.97 -6.53
N THR A 145 5.20 -15.57 -7.57
CA THR A 145 4.79 -14.59 -8.57
C THR A 145 4.37 -15.32 -9.85
N VAL A 146 3.27 -14.86 -10.47
CA VAL A 146 2.80 -15.40 -11.74
C VAL A 146 2.74 -14.29 -12.78
N ALA A 147 3.43 -14.47 -13.91
CA ALA A 147 3.39 -13.55 -15.03
C ALA A 147 2.87 -14.26 -16.29
N TRP A 148 1.75 -13.79 -16.85
CA TRP A 148 1.17 -14.31 -18.07
C TRP A 148 1.67 -13.51 -19.27
N LYS A 149 2.16 -14.19 -20.31
CA LYS A 149 2.59 -13.55 -21.54
C LYS A 149 1.71 -13.93 -22.74
N ALA A 150 1.88 -13.20 -23.85
CA ALA A 150 1.17 -13.48 -25.10
C ALA A 150 2.12 -13.28 -26.27
N ASP A 151 2.51 -14.37 -26.91
CA ASP A 151 3.53 -14.32 -27.95
C ASP A 151 4.90 -13.94 -27.37
N GLY A 152 5.00 -13.50 -26.11
CA GLY A 152 6.29 -13.12 -25.57
C GLY A 152 6.30 -11.76 -24.85
N SER A 153 5.24 -10.96 -25.04
CA SER A 153 5.11 -9.71 -24.32
C SER A 153 4.05 -9.84 -23.21
N PRO A 154 4.28 -9.25 -22.01
CA PRO A 154 3.34 -9.36 -20.87
C PRO A 154 1.85 -9.11 -21.08
N VAL A 155 1.03 -9.61 -20.14
CA VAL A 155 -0.43 -9.52 -20.17
C VAL A 155 -0.99 -9.48 -18.74
N LYS A 156 -1.64 -8.34 -18.35
CA LYS A 156 -2.23 -8.16 -17.01
C LYS A 156 -3.76 -8.00 -17.04
N ALA A 157 -4.38 -8.20 -18.23
CA ALA A 157 -5.79 -7.90 -18.47
C ALA A 157 -6.76 -8.78 -17.67
N GLY A 158 -6.83 -10.09 -17.92
CA GLY A 158 -7.93 -10.87 -17.38
C GLY A 158 -7.48 -11.89 -16.31
N VAL A 159 -6.47 -11.50 -15.53
CA VAL A 159 -5.74 -12.40 -14.66
C VAL A 159 -6.36 -12.45 -13.27
N GLU A 160 -6.52 -13.68 -12.79
CA GLU A 160 -6.93 -13.96 -11.43
C GLU A 160 -5.97 -15.01 -10.89
N THR A 161 -5.31 -14.71 -9.75
CA THR A 161 -4.38 -15.63 -9.08
C THR A 161 -4.82 -15.80 -7.63
N THR A 162 -4.90 -17.04 -7.13
CA THR A 162 -5.20 -17.26 -5.72
C THR A 162 -3.99 -16.87 -4.87
N LYS A 163 -4.25 -16.87 -3.56
CA LYS A 163 -3.13 -16.71 -2.62
C LYS A 163 -2.70 -18.14 -2.31
N PRO A 164 -1.39 -18.42 -2.21
CA PRO A 164 -0.89 -19.72 -1.78
C PRO A 164 -1.70 -20.26 -0.60
N SER A 165 -1.96 -21.56 -0.62
CA SER A 165 -2.68 -22.23 0.49
C SER A 165 -1.89 -23.48 0.86
N LYS A 166 -2.04 -23.95 2.10
CA LYS A 166 -1.31 -25.15 2.56
C LYS A 166 -2.09 -26.41 2.18
N GLN A 167 -1.41 -27.39 1.60
CA GLN A 167 -2.08 -28.67 1.26
C GLN A 167 -1.87 -29.66 2.41
N SER A 168 -2.15 -30.93 2.18
CA SER A 168 -1.89 -31.96 3.22
C SER A 168 -0.39 -32.09 3.45
N ASN A 169 0.40 -32.14 2.38
CA ASN A 169 1.88 -32.34 2.50
C ASN A 169 2.50 -31.15 3.22
N ASN A 170 1.67 -30.21 3.69
CA ASN A 170 2.18 -28.99 4.35
C ASN A 170 2.95 -28.17 3.31
N LYS A 171 2.82 -28.53 2.04
CA LYS A 171 3.43 -27.72 0.96
C LYS A 171 2.32 -26.83 0.41
N TYR A 172 2.65 -25.90 -0.48
CA TYR A 172 1.61 -24.92 -0.88
C TYR A 172 1.12 -25.08 -2.31
N ALA A 173 -0.11 -24.65 -2.56
CA ALA A 173 -0.70 -24.62 -3.89
C ALA A 173 -1.32 -23.24 -4.15
N ALA A 174 -1.26 -22.84 -5.43
CA ALA A 174 -1.96 -21.67 -5.94
C ALA A 174 -2.60 -22.04 -7.28
N SER A 175 -3.56 -21.21 -7.75
CA SER A 175 -4.10 -21.26 -9.10
C SER A 175 -3.94 -19.88 -9.74
N SER A 176 -3.72 -19.82 -11.07
CA SER A 176 -3.94 -18.59 -11.83
C SER A 176 -4.76 -18.86 -13.10
N TYR A 177 -5.69 -17.95 -13.41
CA TYR A 177 -6.60 -18.06 -14.54
C TYR A 177 -6.48 -16.83 -15.45
N LEU A 178 -6.23 -17.06 -16.75
CA LEU A 178 -6.15 -15.98 -17.71
C LEU A 178 -7.37 -16.03 -18.62
N SER A 179 -8.25 -15.04 -18.46
CA SER A 179 -9.50 -14.99 -19.26
C SER A 179 -9.28 -14.14 -20.52
N LEU A 180 -9.49 -14.72 -21.69
CA LEU A 180 -9.25 -13.96 -22.94
C LEU A 180 -10.42 -14.20 -23.91
N THR A 181 -10.44 -13.50 -25.05
CA THR A 181 -11.52 -13.65 -26.03
C THR A 181 -11.10 -14.67 -27.06
N PRO A 182 -11.96 -15.63 -27.44
CA PRO A 182 -11.52 -16.73 -28.29
C PRO A 182 -10.71 -16.13 -29.40
N GLU A 183 -11.10 -14.92 -29.80
CA GLU A 183 -10.43 -14.23 -30.93
C GLU A 183 -8.94 -14.09 -30.59
N GLN A 184 -8.62 -13.58 -29.40
CA GLN A 184 -7.22 -13.32 -28.99
C GLN A 184 -6.44 -14.64 -28.90
N TRP A 185 -7.11 -15.69 -28.39
CA TRP A 185 -6.48 -17.02 -28.26
C TRP A 185 -6.10 -17.55 -29.64
N LYS A 186 -6.97 -17.35 -30.63
CA LYS A 186 -6.69 -17.81 -32.01
C LYS A 186 -5.58 -16.94 -32.62
N SER A 187 -5.61 -15.64 -32.28
CA SER A 187 -4.82 -14.58 -32.95
C SER A 187 -3.34 -14.74 -32.60
N HIS A 188 -3.05 -15.18 -31.38
CA HIS A 188 -1.66 -15.24 -30.97
C HIS A 188 -1.13 -16.63 -31.31
N ARG A 189 0.20 -16.75 -31.45
CA ARG A 189 0.86 -18.02 -31.70
C ARG A 189 0.87 -18.89 -30.43
N SER A 190 1.14 -18.29 -29.27
CA SER A 190 1.34 -19.04 -28.03
C SER A 190 1.04 -18.16 -26.82
N TYR A 191 0.57 -18.79 -25.73
CA TYR A 191 0.43 -18.15 -24.41
C TYR A 191 1.32 -18.87 -23.43
N SER A 192 1.87 -18.13 -22.45
CA SER A 192 2.76 -18.69 -21.44
C SER A 192 2.30 -18.28 -20.04
N CYS A 193 2.39 -19.25 -19.11
CA CYS A 193 2.20 -19.04 -17.69
C CYS A 193 3.55 -19.17 -17.02
N GLN A 194 3.99 -18.11 -16.32
CA GLN A 194 5.32 -18.06 -15.76
C GLN A 194 5.25 -17.87 -14.25
N VAL A 195 5.68 -18.89 -13.52
CA VAL A 195 5.69 -18.90 -12.07
C VAL A 195 7.12 -18.73 -11.59
N THR A 196 7.33 -17.88 -10.58
CA THR A 196 8.68 -17.65 -10.08
C THR A 196 8.68 -17.83 -8.57
N HIS A 197 9.66 -18.61 -8.09
CA HIS A 197 9.69 -19.16 -6.76
C HIS A 197 11.16 -19.19 -6.37
N GLU A 198 11.51 -18.43 -5.33
CA GLU A 198 12.89 -18.43 -4.78
C GLU A 198 13.88 -18.01 -5.87
N GLY A 199 13.47 -17.08 -6.74
CA GLY A 199 14.37 -16.45 -7.71
C GLY A 199 14.59 -17.33 -8.93
N SER A 200 13.71 -18.30 -9.12
CA SER A 200 13.83 -19.26 -10.25
C SER A 200 12.47 -19.47 -10.92
N THR A 201 12.48 -19.59 -12.25
CA THR A 201 11.27 -19.49 -13.09
C THR A 201 10.96 -20.84 -13.70
N VAL A 202 9.72 -21.30 -13.54
CA VAL A 202 9.14 -22.35 -14.36
C VAL A 202 8.12 -21.73 -15.32
N GLU A 203 8.26 -21.97 -16.63
CA GLU A 203 7.36 -21.43 -17.64
C GLU A 203 6.81 -22.55 -18.52
N LYS A 204 5.51 -22.84 -18.43
CA LYS A 204 4.86 -23.68 -19.41
C LYS A 204 4.19 -22.77 -20.44
N THR A 205 4.16 -23.20 -21.71
CA THR A 205 3.51 -22.45 -22.76
C THR A 205 2.50 -23.36 -23.47
N VAL A 206 1.54 -22.71 -24.14
CA VAL A 206 0.44 -23.39 -24.78
C VAL A 206 0.06 -22.65 -26.06
N ALA A 207 -0.42 -23.40 -27.06
CA ALA A 207 -0.84 -22.83 -28.33
C ALA A 207 -2.16 -23.47 -28.77
N PRO A 208 -2.90 -22.84 -29.71
CA PRO A 208 -4.07 -23.50 -30.31
C PRO A 208 -3.58 -24.63 -31.22
N THR A 209 -3.31 -25.80 -30.62
CA THR A 209 -2.77 -26.96 -31.38
C THR A 209 -3.83 -28.03 -31.50
N GLU A 210 -5.09 -27.66 -31.28
CA GLU A 210 -6.21 -28.62 -31.41
C GLU A 210 -6.61 -28.74 -32.89
N CYS A 211 -7.06 -29.94 -33.31
CA CYS A 211 -7.49 -30.15 -34.71
C CYS A 211 -8.29 -28.94 -35.20
N GLN B 1 -7.94 3.80 26.16
CA GLN B 1 -7.24 3.21 24.98
C GLN B 1 -6.65 4.32 24.09
N VAL B 2 -5.70 3.94 23.23
CA VAL B 2 -5.24 4.78 22.08
C VAL B 2 -5.33 3.92 20.80
N GLN B 3 -6.45 4.04 20.08
CA GLN B 3 -6.80 3.08 19.00
C GLN B 3 -7.61 3.80 17.90
N LEU B 4 -7.64 3.20 16.71
CA LEU B 4 -8.53 3.62 15.60
C LEU B 4 -9.49 2.46 15.28
N VAL B 5 -10.78 2.74 15.15
CA VAL B 5 -11.71 1.68 14.77
C VAL B 5 -12.50 2.14 13.57
N GLU B 6 -12.51 1.30 12.56
CA GLU B 6 -13.28 1.53 11.35
C GLU B 6 -14.62 0.77 11.36
N SER B 7 -15.55 1.28 10.55
CA SER B 7 -16.85 0.65 10.38
C SER B 7 -17.46 1.15 9.07
N GLY B 8 -18.50 0.47 8.59
CA GLY B 8 -19.25 0.94 7.44
C GLY B 8 -18.97 0.17 6.15
N GLY B 9 -18.06 -0.78 6.21
CA GLY B 9 -17.92 -1.68 5.07
C GLY B 9 -19.13 -2.60 4.94
N GLY B 10 -19.07 -3.47 3.94
CA GLY B 10 -20.19 -4.27 3.50
C GLY B 10 -20.16 -4.41 1.97
N VAL B 11 -21.15 -5.13 1.44
CA VAL B 11 -21.18 -5.50 0.04
C VAL B 11 -22.09 -4.52 -0.71
N VAL B 12 -21.56 -3.92 -1.77
CA VAL B 12 -22.34 -2.96 -2.53
C VAL B 12 -22.32 -3.31 -4.02
N GLN B 13 -23.24 -2.66 -4.74
CA GLN B 13 -23.38 -2.82 -6.17
C GLN B 13 -22.48 -1.82 -6.89
N PRO B 14 -21.79 -2.24 -7.97
CA PRO B 14 -21.03 -1.33 -8.80
C PRO B 14 -21.78 -0.05 -9.12
N GLY B 15 -21.02 1.06 -9.09
CA GLY B 15 -21.57 2.39 -9.34
C GLY B 15 -22.10 3.07 -8.09
N SER B 16 -22.34 2.30 -7.02
CA SER B 16 -23.00 2.87 -5.85
C SER B 16 -21.97 3.56 -4.95
N SER B 17 -22.43 3.98 -3.77
CA SER B 17 -21.69 4.88 -2.93
C SER B 17 -21.70 4.35 -1.50
N LEU B 18 -20.62 4.67 -0.77
CA LEU B 18 -20.48 4.21 0.60
C LEU B 18 -19.59 5.16 1.37
N ARG B 19 -20.02 5.48 2.61
CA ARG B 19 -19.21 6.25 3.53
C ARG B 19 -18.57 5.33 4.57
N LEU B 20 -17.24 5.48 4.79
CA LEU B 20 -16.52 4.74 5.82
C LEU B 20 -16.18 5.68 6.99
N SER B 21 -16.19 5.11 8.20
CA SER B 21 -16.02 5.84 9.44
C SER B 21 -14.81 5.28 10.17
N CYS B 22 -14.17 6.13 10.96
CA CYS B 22 -12.98 5.81 11.71
C CYS B 22 -13.05 6.52 13.05
N ALA B 23 -13.47 5.78 14.09
CA ALA B 23 -13.58 6.26 15.47
C ALA B 23 -12.23 6.18 16.17
N VAL B 24 -11.69 7.37 16.50
CA VAL B 24 -10.43 7.53 17.20
C VAL B 24 -10.67 7.49 18.71
N SER B 25 -9.76 6.84 19.45
CA SER B 25 -9.62 6.99 20.89
C SER B 25 -8.19 7.40 21.21
N GLY B 26 -8.05 8.17 22.29
CA GLY B 26 -6.76 8.37 22.92
C GLY B 26 -6.10 9.68 22.51
N PHE B 27 -6.60 10.30 21.45
CA PHE B 27 -6.09 11.60 21.01
C PHE B 27 -7.15 12.41 20.27
N THR B 28 -6.74 13.61 19.84
CA THR B 28 -7.60 14.55 19.16
C THR B 28 -7.33 14.45 17.65
N VAL B 29 -8.41 14.26 16.90
CA VAL B 29 -8.28 13.85 15.52
C VAL B 29 -7.83 14.98 14.60
N ARG B 30 -8.08 16.23 15.01
CA ARG B 30 -7.71 17.35 14.18
C ARG B 30 -6.27 17.77 14.47
N SER B 31 -5.64 17.21 15.51
CA SER B 31 -4.23 17.49 15.77
C SER B 31 -3.28 16.73 14.81
N TYR B 32 -3.80 15.74 14.05
CA TYR B 32 -2.93 14.87 13.28
C TYR B 32 -3.37 14.74 11.83
N GLY B 33 -2.34 14.63 10.98
CA GLY B 33 -2.48 14.12 9.63
C GLY B 33 -3.00 12.69 9.70
N MET B 34 -4.18 12.47 9.08
CA MET B 34 -4.86 11.18 9.09
C MET B 34 -5.06 10.71 7.66
N HIS B 35 -4.91 9.41 7.45
CA HIS B 35 -4.86 8.79 6.11
C HIS B 35 -5.73 7.54 6.08
N TRP B 36 -6.10 7.15 4.87
CA TRP B 36 -6.75 5.88 4.51
C TRP B 36 -5.84 5.09 3.60
N VAL B 37 -5.75 3.79 3.90
CA VAL B 37 -4.90 2.89 3.17
C VAL B 37 -5.71 1.64 2.98
N ARG B 38 -5.63 1.08 1.76
CA ARG B 38 -6.39 -0.12 1.48
C ARG B 38 -5.47 -1.20 0.94
N GLN B 39 -6.02 -2.41 0.92
CA GLN B 39 -5.31 -3.56 0.41
C GLN B 39 -6.36 -4.56 -0.03
N ALA B 40 -6.33 -4.90 -1.32
CA ALA B 40 -7.21 -5.94 -1.90
C ALA B 40 -6.67 -7.32 -1.53
N PRO B 41 -7.54 -8.34 -1.38
CA PRO B 41 -7.08 -9.64 -0.92
C PRO B 41 -5.89 -10.14 -1.72
N GLY B 42 -4.84 -10.54 -1.02
CA GLY B 42 -3.64 -11.17 -1.62
C GLY B 42 -2.73 -10.15 -2.26
N LYS B 43 -2.94 -8.86 -2.01
CA LYS B 43 -2.13 -7.81 -2.67
C LYS B 43 -1.48 -6.90 -1.61
N GLY B 44 -0.82 -5.84 -2.06
CA GLY B 44 -0.03 -4.95 -1.20
C GLY B 44 -0.82 -3.75 -0.74
N LEU B 45 -0.21 -2.91 0.09
CA LEU B 45 -0.87 -1.73 0.63
C LEU B 45 -0.95 -0.69 -0.48
N GLU B 46 -2.12 -0.10 -0.63
CA GLU B 46 -2.31 1.03 -1.52
C GLU B 46 -2.86 2.21 -0.72
N TRP B 47 -2.09 3.28 -0.70
CA TRP B 47 -2.53 4.51 -0.09
C TRP B 47 -3.64 5.15 -0.93
N VAL B 48 -4.68 5.69 -0.26
CA VAL B 48 -5.89 6.20 -0.91
C VAL B 48 -6.02 7.71 -0.75
N ALA B 49 -5.94 8.23 0.48
CA ALA B 49 -6.21 9.64 0.69
C ALA B 49 -5.58 10.11 2.00
N LEU B 50 -5.48 11.44 2.15
CA LEU B 50 -4.92 12.03 3.40
C LEU B 50 -5.51 13.42 3.70
N ILE B 51 -5.65 13.77 4.99
CA ILE B 51 -5.97 15.13 5.35
C ILE B 51 -4.99 15.56 6.43
N LEU B 52 -4.39 16.73 6.25
CA LEU B 52 -3.38 17.24 7.21
C LEU B 52 -4.11 17.81 8.43
N PHE B 53 -3.36 18.21 9.47
CA PHE B 53 -3.97 18.64 10.75
C PHE B 53 -4.70 19.97 10.51
N ASP B 54 -4.31 20.65 9.43
CA ASP B 54 -4.92 21.96 9.03
C ASP B 54 -6.38 21.73 8.64
N GLY B 55 -6.77 20.48 8.36
CA GLY B 55 -8.17 20.22 8.12
C GLY B 55 -8.60 20.67 6.73
N THR B 56 -7.75 21.40 6.01
CA THR B 56 -8.09 21.91 4.70
C THR B 56 -7.30 21.19 3.61
N THR B 57 -6.08 20.69 3.92
CA THR B 57 -5.21 20.13 2.89
C THR B 57 -5.53 18.64 2.66
N LYS B 58 -5.75 18.28 1.39
CA LYS B 58 -6.29 16.97 1.04
C LYS B 58 -5.63 16.46 -0.23
N HIS B 59 -5.21 15.20 -0.18
CA HIS B 59 -4.52 14.57 -1.29
C HIS B 59 -5.12 13.18 -1.46
N TYR B 60 -5.30 12.75 -2.73
CA TYR B 60 -5.83 11.43 -3.01
C TYR B 60 -4.95 10.73 -4.05
N ALA B 61 -5.18 9.42 -4.21
CA ALA B 61 -4.47 8.66 -5.21
C ALA B 61 -5.08 8.95 -6.57
N ASP B 62 -4.25 9.06 -7.61
CA ASP B 62 -4.76 9.30 -8.98
C ASP B 62 -5.93 8.33 -9.24
N SER B 63 -5.88 7.13 -8.68
CA SER B 63 -6.95 6.16 -8.86
C SER B 63 -8.32 6.61 -8.37
N VAL B 64 -8.40 7.52 -7.39
CA VAL B 64 -9.69 7.76 -6.76
C VAL B 64 -10.09 9.23 -6.90
N LYS B 65 -9.23 10.03 -7.54
CA LYS B 65 -9.51 11.45 -7.70
C LYS B 65 -10.94 11.63 -8.21
N GLY B 66 -11.61 12.64 -7.67
CA GLY B 66 -13.03 12.86 -7.90
C GLY B 66 -13.85 11.95 -7.00
N ARG B 67 -13.70 10.64 -7.21
CA ARG B 67 -14.68 9.70 -6.70
C ARG B 67 -14.75 9.72 -5.17
N PHE B 68 -13.69 10.17 -4.49
CA PHE B 68 -13.53 10.02 -3.02
C PHE B 68 -13.21 11.39 -2.36
N THR B 69 -13.80 11.67 -1.19
CA THR B 69 -13.38 12.80 -0.36
C THR B 69 -13.23 12.29 1.06
N ILE B 70 -12.20 12.80 1.73
CA ILE B 70 -11.87 12.45 3.11
C ILE B 70 -12.33 13.61 3.95
N SER B 71 -12.69 13.35 5.21
CA SER B 71 -13.01 14.46 6.10
C SER B 71 -12.98 14.02 7.57
N ARG B 72 -13.29 14.94 8.48
CA ARG B 72 -13.28 14.57 9.88
C ARG B 72 -14.31 15.39 10.67
N ASP B 73 -14.83 14.79 11.74
CA ASP B 73 -15.66 15.50 12.67
C ASP B 73 -14.98 15.45 14.04
N ASN B 74 -14.25 16.52 14.39
CA ASN B 74 -13.50 16.53 15.62
C ASN B 74 -14.42 16.28 16.80
N SER B 75 -15.66 16.78 16.71
CA SER B 75 -16.54 16.70 17.87
C SER B 75 -17.01 15.26 18.05
N LYS B 76 -16.89 14.41 17.01
CA LYS B 76 -17.25 13.02 17.15
C LYS B 76 -16.03 12.11 17.13
N ASP B 77 -14.82 12.71 17.13
CA ASP B 77 -13.55 11.96 17.09
C ASP B 77 -13.57 10.95 15.95
N THR B 78 -14.09 11.37 14.80
CA THR B 78 -14.32 10.44 13.67
C THR B 78 -13.73 11.03 12.41
N LEU B 79 -12.97 10.21 11.69
CA LEU B 79 -12.56 10.45 10.32
C LEU B 79 -13.51 9.71 9.40
N TYR B 80 -13.74 10.29 8.22
CA TYR B 80 -14.69 9.80 7.25
C TYR B 80 -13.98 9.63 5.91
N LEU B 81 -14.37 8.59 5.17
CA LEU B 81 -14.07 8.50 3.74
C LEU B 81 -15.36 8.31 2.94
N GLN B 82 -15.71 9.31 2.09
CA GLN B 82 -16.86 9.19 1.21
C GLN B 82 -16.39 8.64 -0.14
N MET B 83 -17.01 7.52 -0.55
CA MET B 83 -16.63 6.86 -1.81
C MET B 83 -17.83 6.87 -2.78
N THR B 84 -17.62 7.37 -4.00
CA THR B 84 -18.63 7.34 -5.04
C THR B 84 -18.30 6.33 -6.13
N SER B 85 -19.28 6.12 -7.01
CA SER B 85 -19.03 5.48 -8.29
C SER B 85 -18.06 4.32 -8.09
N LEU B 86 -18.44 3.42 -7.20
CA LEU B 86 -17.54 2.35 -6.81
C LEU B 86 -17.44 1.34 -7.94
N GLY B 87 -16.21 0.91 -8.20
CA GLY B 87 -15.94 -0.14 -9.16
C GLY B 87 -15.26 -1.32 -8.48
N ALA B 88 -15.04 -2.38 -9.26
CA ALA B 88 -14.54 -3.62 -8.68
C ALA B 88 -13.11 -3.43 -8.16
N GLU B 89 -12.44 -2.39 -8.67
CA GLU B 89 -11.05 -2.12 -8.34
C GLU B 89 -10.96 -1.58 -6.91
N ASP B 90 -12.11 -1.20 -6.35
CA ASP B 90 -12.21 -0.63 -5.02
C ASP B 90 -12.48 -1.73 -3.99
N THR B 91 -12.59 -2.99 -4.41
CA THR B 91 -12.77 -4.05 -3.43
C THR B 91 -11.47 -4.20 -2.63
N ALA B 92 -11.58 -4.20 -1.29
CA ALA B 92 -10.40 -4.24 -0.42
C ALA B 92 -10.79 -4.17 1.05
N MET B 93 -9.79 -4.43 1.91
CA MET B 93 -9.79 -3.99 3.30
C MET B 93 -9.36 -2.52 3.35
N TYR B 94 -10.05 -1.70 4.14
CA TYR B 94 -9.76 -0.28 4.27
C TYR B 94 -9.39 -0.01 5.72
N TYR B 95 -8.29 0.75 5.90
CA TYR B 95 -7.71 1.08 7.19
C TYR B 95 -7.58 2.59 7.31
N CYS B 96 -7.97 3.17 8.46
CA CYS B 96 -7.47 4.49 8.81
C CYS B 96 -6.15 4.35 9.55
N VAL B 97 -5.32 5.39 9.45
CA VAL B 97 -3.99 5.36 10.02
C VAL B 97 -3.67 6.77 10.50
N ARG B 98 -2.75 6.88 11.46
CA ARG B 98 -2.36 8.19 11.94
C ARG B 98 -0.89 8.43 11.61
N ASP B 99 -0.60 9.57 11.01
CA ASP B 99 0.78 9.92 10.74
C ASP B 99 1.32 10.66 11.94
N PHE B 100 2.10 10.00 12.79
CA PHE B 100 2.52 10.67 14.00
C PHE B 100 3.62 11.67 13.68
N ASN B 101 4.10 11.73 12.44
CA ASN B 101 5.03 12.81 12.08
C ASN B 101 4.34 13.98 11.41
N GLN B 102 3.00 14.06 11.51
CA GLN B 102 2.24 15.21 11.08
C GLN B 102 1.33 15.63 12.24
N PHE B 103 1.86 16.46 13.14
CA PHE B 103 1.23 16.75 14.41
C PHE B 103 1.42 18.23 14.72
N VAL B 104 0.45 18.84 15.39
CA VAL B 104 0.54 20.28 15.66
C VAL B 104 1.86 20.60 16.36
N LYS B 105 2.48 19.61 17.01
CA LYS B 105 3.66 19.86 17.82
C LYS B 105 4.83 19.01 17.34
N ARG B 106 4.72 18.41 16.14
CA ARG B 106 5.82 17.70 15.52
C ARG B 106 5.45 17.44 14.07
N PHE B 107 6.20 18.05 13.16
CA PHE B 107 5.94 17.90 11.70
C PHE B 107 7.26 17.64 10.97
N VAL B 108 7.43 16.38 10.57
CA VAL B 108 8.64 15.92 9.82
C VAL B 108 8.19 15.45 8.43
N ASP B 109 8.94 15.83 7.40
CA ASP B 109 8.63 15.42 5.99
C ASP B 109 8.96 13.93 5.82
N GLY B 110 8.19 13.07 6.48
CA GLY B 110 8.42 11.61 6.45
C GLY B 110 7.28 10.86 7.10
N PRO B 111 6.15 10.66 6.40
CA PRO B 111 5.01 9.99 7.00
C PRO B 111 5.34 8.66 7.67
N ALA B 112 4.91 8.53 8.92
CA ALA B 112 5.12 7.32 9.74
C ALA B 112 3.82 6.93 10.44
N PHE B 113 3.25 5.80 10.06
CA PHE B 113 1.92 5.39 10.48
C PHE B 113 2.01 4.44 11.66
N ASP B 114 1.96 5.01 12.87
CA ASP B 114 2.07 4.22 14.08
C ASP B 114 0.74 3.53 14.38
N LEU B 115 -0.38 4.24 14.20
CA LEU B 115 -1.68 3.65 14.48
C LEU B 115 -2.35 3.15 13.21
N TRP B 116 -3.00 1.99 13.35
CA TRP B 116 -3.78 1.35 12.31
C TRP B 116 -4.99 0.73 12.95
N GLY B 117 -6.15 0.93 12.37
CA GLY B 117 -7.30 0.14 12.79
C GLY B 117 -7.16 -1.30 12.31
N GLN B 118 -8.16 -2.09 12.71
CA GLN B 118 -8.25 -3.50 12.39
C GLN B 118 -8.77 -3.67 10.97
N GLY B 119 -9.44 -2.66 10.44
CA GLY B 119 -9.87 -2.68 9.05
C GLY B 119 -11.38 -2.89 8.91
N THR B 120 -11.94 -2.36 7.82
CA THR B 120 -13.32 -2.65 7.42
C THR B 120 -13.29 -3.03 5.95
N ARG B 121 -13.93 -4.17 5.66
CA ARG B 121 -13.91 -4.79 4.35
C ARG B 121 -14.98 -4.16 3.48
N VAL B 122 -14.59 -3.86 2.24
CA VAL B 122 -15.49 -3.36 1.21
C VAL B 122 -15.41 -4.28 -0.01
N THR B 123 -16.60 -4.63 -0.49
CA THR B 123 -16.83 -5.59 -1.56
C THR B 123 -17.80 -4.96 -2.55
N VAL B 124 -17.35 -4.75 -3.78
CA VAL B 124 -18.18 -4.07 -4.81
C VAL B 124 -18.50 -5.07 -5.94
N SER B 125 -19.56 -5.85 -5.76
CA SER B 125 -19.94 -6.85 -6.80
C SER B 125 -21.46 -6.98 -6.86
N SER B 126 -22.00 -7.33 -8.03
CA SER B 126 -23.46 -7.56 -8.17
C SER B 126 -23.70 -9.07 -8.04
N ALA B 127 -22.62 -9.82 -7.81
CA ALA B 127 -22.69 -11.30 -7.73
C ALA B 127 -23.90 -11.79 -6.95
N SER B 128 -24.56 -12.82 -7.48
CA SER B 128 -25.73 -13.43 -6.79
C SER B 128 -25.66 -14.96 -7.01
N THR B 129 -26.42 -15.73 -6.24
CA THR B 129 -26.34 -17.19 -6.37
C THR B 129 -26.29 -17.54 -7.84
N LYS B 130 -25.24 -18.24 -8.27
CA LYS B 130 -25.12 -18.67 -9.69
C LYS B 130 -24.49 -20.06 -9.73
N GLY B 131 -25.08 -20.97 -10.49
CA GLY B 131 -24.53 -22.30 -10.65
C GLY B 131 -23.27 -22.25 -11.51
N PRO B 132 -22.40 -23.28 -11.40
CA PRO B 132 -21.14 -23.30 -12.14
C PRO B 132 -21.21 -23.82 -13.59
N SER B 133 -20.25 -23.35 -14.39
CA SER B 133 -20.05 -23.92 -15.71
C SER B 133 -18.85 -24.86 -15.65
N VAL B 134 -19.08 -26.11 -16.05
CA VAL B 134 -18.09 -27.15 -15.90
C VAL B 134 -17.57 -27.56 -17.29
N PHE B 135 -16.25 -27.46 -17.45
CA PHE B 135 -15.57 -27.70 -18.69
C PHE B 135 -14.47 -28.73 -18.44
N PRO B 136 -14.29 -29.72 -19.32
CA PRO B 136 -13.20 -30.68 -19.17
C PRO B 136 -11.87 -30.07 -19.56
N LEU B 137 -10.86 -30.29 -18.72
CA LEU B 137 -9.49 -30.00 -19.06
C LEU B 137 -8.87 -31.30 -19.51
N ALA B 138 -8.79 -31.47 -20.82
CA ALA B 138 -8.44 -32.76 -21.35
C ALA B 138 -6.93 -32.94 -21.34
N PRO B 139 -6.41 -34.18 -21.18
CA PRO B 139 -4.97 -34.42 -21.18
C PRO B 139 -4.27 -34.04 -22.48
N SER B 140 -3.01 -33.58 -22.36
CA SER B 140 -2.16 -33.27 -23.50
C SER B 140 -1.93 -34.52 -24.36
N SER B 141 -1.80 -34.35 -25.68
CA SER B 141 -1.60 -35.46 -26.60
C SER B 141 -0.14 -35.92 -26.60
N LYS B 142 0.76 -35.14 -25.97
CA LYS B 142 2.17 -35.49 -25.84
C LYS B 142 2.40 -36.33 -24.57
N SER B 143 1.68 -35.99 -23.48
CA SER B 143 1.69 -36.76 -22.24
C SER B 143 0.81 -38.01 -22.36
N THR B 144 0.12 -38.16 -23.49
CA THR B 144 -0.78 -39.27 -23.75
C THR B 144 0.00 -40.51 -24.21
N SER B 145 1.21 -40.31 -24.78
CA SER B 145 1.98 -41.42 -25.33
C SER B 145 2.43 -42.39 -24.22
N GLY B 146 2.88 -41.86 -23.07
CA GLY B 146 3.31 -42.68 -21.93
C GLY B 146 3.50 -41.86 -20.65
N GLY B 147 4.05 -42.51 -19.60
CA GLY B 147 4.14 -41.91 -18.27
C GLY B 147 2.75 -41.85 -17.62
N THR B 148 2.56 -40.89 -16.72
CA THR B 148 1.23 -40.54 -16.27
C THR B 148 0.74 -39.35 -17.09
N ALA B 149 -0.55 -39.00 -16.97
CA ALA B 149 -1.11 -37.84 -17.65
C ALA B 149 -2.08 -37.09 -16.74
N ALA B 150 -2.20 -35.77 -16.95
CA ALA B 150 -3.02 -34.91 -16.12
C ALA B 150 -4.29 -34.45 -16.84
N LEU B 151 -5.46 -34.71 -16.23
CA LEU B 151 -6.72 -34.25 -16.76
C LEU B 151 -7.52 -33.60 -15.64
N GLY B 152 -8.58 -32.87 -15.94
CA GLY B 152 -9.27 -32.17 -14.87
C GLY B 152 -10.66 -31.65 -15.27
N CYS B 153 -11.28 -30.97 -14.29
CA CYS B 153 -12.50 -30.21 -14.49
C CYS B 153 -12.24 -28.79 -14.05
N LEU B 154 -12.62 -27.85 -14.93
CA LEU B 154 -12.64 -26.44 -14.62
C LEU B 154 -14.06 -26.07 -14.21
N VAL B 155 -14.23 -25.63 -12.95
CA VAL B 155 -15.53 -25.30 -12.41
C VAL B 155 -15.61 -23.80 -12.30
N LYS B 156 -16.44 -23.17 -13.14
CA LYS B 156 -16.23 -21.76 -13.47
C LYS B 156 -17.49 -20.95 -13.16
N ASP B 157 -17.24 -19.75 -12.61
CA ASP B 157 -18.21 -18.68 -12.40
C ASP B 157 -19.40 -19.17 -11.57
N TYR B 158 -19.12 -19.57 -10.33
CA TYR B 158 -20.14 -20.00 -9.37
C TYR B 158 -20.17 -19.10 -8.15
N PHE B 159 -21.28 -19.22 -7.42
CA PHE B 159 -21.61 -18.34 -6.27
C PHE B 159 -22.86 -18.87 -5.59
N PRO B 160 -22.87 -18.98 -4.25
CA PRO B 160 -21.65 -18.89 -3.48
C PRO B 160 -20.95 -20.24 -3.28
N GLU B 161 -19.97 -20.25 -2.38
CA GLU B 161 -19.33 -21.49 -1.86
C GLU B 161 -20.35 -22.25 -1.01
N PRO B 162 -20.32 -23.60 -0.97
CA PRO B 162 -19.22 -24.38 -1.51
C PRO B 162 -19.49 -25.09 -2.84
N VAL B 163 -18.43 -25.74 -3.37
CA VAL B 163 -18.56 -26.70 -4.51
C VAL B 163 -17.82 -28.00 -4.13
N THR B 164 -18.50 -29.13 -4.27
CA THR B 164 -17.91 -30.47 -4.09
C THR B 164 -17.47 -31.00 -5.44
N VAL B 165 -16.25 -31.53 -5.52
CA VAL B 165 -15.75 -32.21 -6.75
C VAL B 165 -15.18 -33.59 -6.37
N SER B 166 -15.74 -34.66 -6.93
CA SER B 166 -15.13 -35.97 -6.82
C SER B 166 -14.93 -36.55 -8.22
N TRP B 167 -14.26 -37.70 -8.33
CA TRP B 167 -14.06 -38.36 -9.61
C TRP B 167 -14.64 -39.77 -9.57
N ASN B 168 -15.42 -40.11 -10.59
CA ASN B 168 -15.97 -41.45 -10.80
C ASN B 168 -16.90 -41.80 -9.64
N SER B 169 -17.80 -40.89 -9.28
CA SER B 169 -18.69 -41.09 -8.15
C SER B 169 -17.89 -41.55 -6.91
N GLY B 170 -16.75 -40.90 -6.64
CA GLY B 170 -15.95 -41.21 -5.46
C GLY B 170 -14.98 -42.38 -5.63
N ALA B 171 -15.05 -43.12 -6.74
CA ALA B 171 -14.29 -44.37 -6.88
C ALA B 171 -12.81 -44.14 -7.20
N LEU B 172 -12.40 -42.90 -7.42
CA LEU B 172 -11.03 -42.60 -7.82
C LEU B 172 -10.54 -41.45 -6.96
N THR B 173 -9.53 -41.70 -6.12
CA THR B 173 -9.07 -40.74 -5.13
C THR B 173 -7.56 -40.51 -5.21
N SER B 174 -6.78 -41.48 -5.70
CA SER B 174 -5.34 -41.30 -5.83
C SER B 174 -5.02 -40.19 -6.82
N GLY B 175 -3.92 -39.48 -6.56
CA GLY B 175 -3.43 -38.46 -7.46
C GLY B 175 -4.53 -37.45 -7.80
N VAL B 176 -5.43 -37.18 -6.85
CA VAL B 176 -6.45 -36.16 -7.02
C VAL B 176 -6.01 -34.89 -6.29
N HIS B 177 -6.12 -33.75 -6.98
CA HIS B 177 -5.89 -32.42 -6.35
C HIS B 177 -7.03 -31.48 -6.74
N THR B 178 -7.93 -31.16 -5.80
CA THR B 178 -8.96 -30.14 -6.07
C THR B 178 -8.50 -28.81 -5.50
N PHE B 179 -8.03 -27.92 -6.38
CA PHE B 179 -7.37 -26.65 -5.98
C PHE B 179 -8.40 -25.73 -5.33
N PRO B 180 -8.01 -24.95 -4.30
CA PRO B 180 -8.88 -23.96 -3.69
C PRO B 180 -9.41 -22.94 -4.70
N ALA B 181 -10.62 -22.42 -4.46
CA ALA B 181 -11.26 -21.56 -5.44
C ALA B 181 -10.48 -20.26 -5.55
N VAL B 182 -10.66 -19.57 -6.66
CA VAL B 182 -10.25 -18.18 -6.81
C VAL B 182 -11.55 -17.39 -6.73
N LEU B 183 -11.42 -16.15 -6.24
CA LEU B 183 -12.51 -15.21 -6.13
C LEU B 183 -12.18 -14.00 -7.02
N GLN B 184 -12.87 -13.91 -8.15
CA GLN B 184 -12.45 -13.01 -9.23
C GLN B 184 -12.90 -11.60 -8.91
N SER B 185 -12.38 -10.61 -9.67
CA SER B 185 -12.79 -9.23 -9.50
C SER B 185 -14.28 -9.08 -9.76
N SER B 186 -14.88 -10.10 -10.38
CA SER B 186 -16.31 -10.12 -10.62
C SER B 186 -17.08 -10.55 -9.35
N GLY B 187 -16.38 -11.12 -8.37
CA GLY B 187 -17.03 -11.59 -7.15
C GLY B 187 -17.63 -12.99 -7.29
N LEU B 188 -17.33 -13.66 -8.42
CA LEU B 188 -17.68 -15.05 -8.64
C LEU B 188 -16.44 -15.91 -8.37
N TYR B 189 -16.69 -17.20 -8.11
CA TYR B 189 -15.62 -18.14 -7.81
C TYR B 189 -15.47 -19.09 -8.97
N SER B 190 -14.22 -19.39 -9.33
CA SER B 190 -13.85 -20.53 -10.20
C SER B 190 -12.84 -21.42 -9.48
N LEU B 191 -13.01 -22.75 -9.57
CA LEU B 191 -12.01 -23.72 -9.05
C LEU B 191 -11.69 -24.76 -10.13
N SER B 192 -10.52 -25.37 -10.05
CA SER B 192 -10.13 -26.48 -10.96
C SER B 192 -9.80 -27.73 -10.14
N SER B 193 -10.19 -28.91 -10.65
CA SER B 193 -9.80 -30.18 -10.03
C SER B 193 -9.07 -31.02 -11.06
N VAL B 194 -7.90 -31.56 -10.67
CA VAL B 194 -7.00 -32.25 -11.57
C VAL B 194 -6.66 -33.64 -11.00
N VAL B 195 -6.64 -34.64 -11.90
CA VAL B 195 -6.19 -36.01 -11.54
C VAL B 195 -4.97 -36.34 -12.41
N THR B 196 -3.96 -36.98 -11.82
CA THR B 196 -2.87 -37.62 -12.56
C THR B 196 -3.16 -39.09 -12.69
N VAL B 197 -3.31 -39.56 -13.93
CA VAL B 197 -3.69 -40.98 -14.22
C VAL B 197 -2.63 -41.59 -15.15
N PRO B 198 -2.51 -42.93 -15.25
CA PRO B 198 -1.65 -43.55 -16.25
C PRO B 198 -2.18 -43.31 -17.64
N SER B 199 -1.28 -42.98 -18.57
CA SER B 199 -1.67 -42.68 -19.98
C SER B 199 -2.21 -43.96 -20.64
N SER B 200 -1.75 -45.12 -20.20
CA SER B 200 -2.21 -46.41 -20.76
C SER B 200 -3.73 -46.52 -20.66
N SER B 201 -4.29 -46.05 -19.54
CA SER B 201 -5.75 -46.17 -19.31
C SER B 201 -6.55 -45.20 -20.18
N LEU B 202 -5.99 -44.03 -20.47
CA LEU B 202 -6.75 -42.98 -21.20
C LEU B 202 -7.77 -43.61 -22.16
N GLY B 203 -7.34 -44.57 -22.97
CA GLY B 203 -8.24 -45.18 -23.96
C GLY B 203 -9.32 -46.03 -23.31
N THR B 204 -8.98 -46.78 -22.26
CA THR B 204 -9.96 -47.72 -21.68
C THR B 204 -10.75 -47.05 -20.58
N GLN B 205 -10.07 -46.56 -19.55
CA GLN B 205 -10.79 -45.99 -18.38
C GLN B 205 -11.38 -44.62 -18.71
N THR B 206 -12.68 -44.43 -18.48
CA THR B 206 -13.27 -43.11 -18.67
C THR B 206 -13.26 -42.34 -17.34
N TYR B 207 -13.01 -41.03 -17.44
CA TYR B 207 -12.89 -40.16 -16.27
C TYR B 207 -14.05 -39.17 -16.26
N ILE B 208 -14.87 -39.25 -15.20
CA ILE B 208 -15.97 -38.33 -14.97
C ILE B 208 -15.72 -37.54 -13.69
N CYS B 209 -15.91 -36.21 -13.72
CA CYS B 209 -15.83 -35.44 -12.50
C CYS B 209 -17.24 -35.21 -11.98
N ASN B 210 -17.40 -35.26 -10.66
CA ASN B 210 -18.69 -35.08 -10.04
C ASN B 210 -18.67 -33.75 -9.28
N VAL B 211 -19.31 -32.73 -9.89
CA VAL B 211 -19.38 -31.40 -9.29
C VAL B 211 -20.76 -31.21 -8.70
N ASN B 212 -20.83 -30.91 -7.40
CA ASN B 212 -22.08 -30.56 -6.76
C ASN B 212 -22.00 -29.13 -6.27
N HIS B 213 -23.08 -28.36 -6.50
CA HIS B 213 -23.22 -26.97 -6.00
C HIS B 213 -24.56 -26.84 -5.28
N LYS B 214 -24.57 -27.17 -3.99
CA LYS B 214 -25.78 -27.20 -3.19
C LYS B 214 -26.52 -25.88 -3.29
N PRO B 215 -25.84 -24.71 -3.19
CA PRO B 215 -26.54 -23.43 -3.24
C PRO B 215 -27.45 -23.25 -4.46
N SER B 216 -27.02 -23.77 -5.62
CA SER B 216 -27.81 -23.66 -6.85
C SER B 216 -28.51 -24.97 -7.22
N ASN B 217 -28.41 -25.97 -6.35
CA ASN B 217 -29.08 -27.29 -6.56
C ASN B 217 -28.61 -27.89 -7.89
N THR B 218 -27.44 -27.43 -8.37
CA THR B 218 -26.86 -27.91 -9.63
C THR B 218 -25.86 -29.00 -9.35
N LYS B 219 -26.03 -30.15 -10.02
CA LYS B 219 -25.01 -31.22 -10.03
C LYS B 219 -24.68 -31.60 -11.49
N VAL B 220 -23.39 -31.57 -11.83
CA VAL B 220 -22.88 -31.88 -13.15
C VAL B 220 -21.90 -33.04 -13.02
N ASP B 221 -21.98 -33.99 -13.95
CA ASP B 221 -21.04 -35.10 -14.10
C ASP B 221 -20.40 -35.03 -15.47
N LYS B 222 -19.13 -34.61 -15.53
CA LYS B 222 -18.48 -34.28 -16.80
C LYS B 222 -17.50 -35.39 -17.18
N LYS B 223 -17.72 -36.02 -18.35
CA LYS B 223 -16.74 -36.91 -18.96
C LYS B 223 -15.60 -36.03 -19.45
N VAL B 224 -14.38 -36.38 -19.07
CA VAL B 224 -13.18 -35.74 -19.58
C VAL B 224 -12.50 -36.74 -20.49
N GLU B 225 -12.60 -36.53 -21.80
CA GLU B 225 -12.06 -37.48 -22.80
C GLU B 225 -10.73 -36.92 -23.34
N PRO B 226 -9.77 -37.77 -23.76
CA PRO B 226 -8.58 -37.27 -24.46
C PRO B 226 -9.00 -36.88 -25.88
N LYS B 227 -8.61 -35.68 -26.32
CA LYS B 227 -8.74 -35.33 -27.73
C LYS B 227 -7.38 -35.55 -28.40
N SER B 228 -7.36 -36.12 -29.63
CA SER B 228 -6.11 -36.50 -30.28
C SER B 228 -5.87 -35.72 -31.57
N CYS B 229 -4.84 -34.87 -31.58
CA CYS B 229 -4.57 -34.02 -32.77
C CYS B 229 -3.07 -33.92 -33.03
N HIS B 230 -2.62 -34.35 -34.20
CA HIS B 230 -1.19 -34.20 -34.58
C HIS B 230 -1.03 -32.83 -35.24
N HIS B 231 -0.30 -31.92 -34.62
CA HIS B 231 -0.17 -30.57 -35.25
C HIS B 231 1.29 -30.33 -35.64
N HIS B 232 1.84 -29.18 -35.22
CA HIS B 232 3.16 -28.72 -35.73
C HIS B 232 4.19 -29.86 -35.67
N HIS B 233 5.14 -29.84 -36.61
CA HIS B 233 6.23 -30.85 -36.61
C HIS B 233 7.55 -30.13 -36.33
N HIS B 234 8.27 -29.74 -37.38
CA HIS B 234 9.60 -29.09 -37.20
C HIS B 234 9.53 -28.03 -36.09
N GLY C 1 17.07 17.20 15.72
CA GLY C 1 17.07 17.32 17.20
C GLY C 1 16.29 18.55 17.64
N ASP C 2 16.76 19.74 17.27
CA ASP C 2 15.99 20.98 17.58
C ASP C 2 15.14 21.34 16.36
N THR C 3 15.54 20.89 15.17
CA THR C 3 14.71 21.13 13.96
C THR C 3 13.40 20.40 14.14
N VAL C 4 13.42 19.24 14.78
CA VAL C 4 12.17 18.44 15.03
C VAL C 4 11.48 19.03 16.28
N ALA C 5 12.24 19.64 17.17
CA ALA C 5 11.68 20.23 18.41
C ALA C 5 10.80 21.43 18.07
N VAL C 6 11.20 22.22 17.07
CA VAL C 6 10.44 23.45 16.72
C VAL C 6 9.54 23.15 15.51
N SER C 7 9.41 21.88 15.14
CA SER C 7 8.53 21.56 14.03
C SER C 7 7.08 21.59 14.51
N GLY C 8 6.14 21.89 13.61
CA GLY C 8 4.72 21.89 13.91
C GLY C 8 4.05 23.26 13.72
N LYS C 9 3.05 23.55 14.56
CA LYS C 9 2.22 24.74 14.41
C LYS C 9 2.63 25.79 15.45
N TRP C 10 2.83 27.00 14.93
CA TRP C 10 3.14 28.15 15.74
C TRP C 10 2.22 29.31 15.34
N TYR C 11 1.98 30.21 16.28
CA TYR C 11 1.33 31.47 16.00
C TYR C 11 2.42 32.52 16.00
N LEU C 12 2.51 33.32 14.93
CA LEU C 12 3.38 34.49 14.94
C LEU C 12 2.61 35.61 15.66
N LYS C 13 3.08 35.94 16.88
CA LYS C 13 2.34 36.78 17.82
C LYS C 13 2.87 38.21 17.89
N ALA C 14 4.20 38.41 17.85
CA ALA C 14 4.79 39.74 17.96
C ALA C 14 5.95 39.92 16.97
N MET C 15 6.11 41.12 16.43
CA MET C 15 7.29 41.44 15.57
C MET C 15 7.76 42.87 15.84
N THR C 16 9.09 43.10 15.76
CA THR C 16 9.66 44.44 15.88
C THR C 16 10.70 44.57 14.79
N ALA C 17 11.39 45.70 14.72
CA ALA C 17 12.47 45.86 13.72
C ALA C 17 13.37 47.05 14.08
N ASP C 18 14.49 47.17 13.37
CA ASP C 18 15.41 48.31 13.58
C ASP C 18 15.05 49.39 12.56
N GLN C 19 14.25 49.00 11.57
CA GLN C 19 13.87 49.96 10.49
C GLN C 19 12.35 50.12 10.49
N GLU C 20 11.73 50.27 9.31
CA GLU C 20 10.29 50.64 9.25
C GLU C 20 9.47 49.43 8.79
N VAL C 21 8.14 49.52 8.95
CA VAL C 21 7.21 48.36 8.86
C VAL C 21 6.50 48.38 7.51
N PRO C 22 6.95 47.58 6.52
CA PRO C 22 6.47 47.72 5.15
C PRO C 22 5.38 46.72 4.79
N GLU C 23 4.21 47.25 4.39
CA GLU C 23 3.02 46.39 4.14
C GLU C 23 2.86 45.42 5.31
N LYS C 24 2.99 45.94 6.53
CA LYS C 24 2.88 45.15 7.75
C LYS C 24 1.44 44.66 7.91
N PRO C 25 1.21 43.32 7.96
CA PRO C 25 -0.07 42.71 7.56
C PRO C 25 -1.22 42.85 8.54
N ASP C 26 -2.45 42.68 8.04
CA ASP C 26 -3.65 42.90 8.89
C ASP C 26 -3.84 41.71 9.81
N SER C 27 -3.65 40.50 9.26
CA SER C 27 -3.97 39.25 9.93
C SER C 27 -3.00 38.20 9.36
N VAL C 28 -2.58 37.24 10.20
CA VAL C 28 -1.73 36.14 9.76
C VAL C 28 -2.40 34.82 10.10
N THR C 29 -2.12 33.82 9.25
CA THR C 29 -2.49 32.45 9.54
C THR C 29 -1.46 31.83 10.47
N PRO C 30 -1.68 30.58 10.91
CA PRO C 30 -0.72 29.91 11.77
C PRO C 30 0.53 29.68 10.92
N MET C 31 1.69 29.75 11.58
CA MET C 31 2.94 29.45 10.92
C MET C 31 3.26 27.97 11.07
N ILE C 32 3.44 27.28 9.93
CA ILE C 32 3.74 25.87 9.88
C ILE C 32 5.20 25.70 9.47
N LEU C 33 5.90 24.86 10.26
CA LEU C 33 7.31 24.53 10.09
C LEU C 33 7.47 23.04 9.88
N LYS C 34 8.08 22.64 8.77
CA LYS C 34 8.24 21.21 8.51
C LYS C 34 9.71 20.83 8.52
N ALA C 35 10.08 19.89 9.40
CA ALA C 35 11.46 19.47 9.51
C ALA C 35 11.74 18.55 8.33
N GLN C 36 12.73 18.93 7.51
CA GLN C 36 13.03 18.22 6.27
C GLN C 36 14.27 17.35 6.48
N LYS C 37 14.39 16.30 5.66
CA LYS C 37 15.51 15.41 5.82
C LYS C 37 16.78 16.23 5.61
N GLY C 38 17.75 16.08 6.51
CA GLY C 38 19.00 16.80 6.37
C GLY C 38 19.12 18.05 7.24
N GLY C 39 18.01 18.53 7.82
CA GLY C 39 18.06 19.49 8.92
C GLY C 39 17.49 20.88 8.58
N ASN C 40 16.87 21.02 7.40
CA ASN C 40 16.30 22.30 7.01
C ASN C 40 14.86 22.41 7.51
N LEU C 41 14.37 23.64 7.57
CA LEU C 41 13.03 23.94 8.01
C LEU C 41 12.29 24.66 6.89
N GLU C 42 11.11 24.13 6.52
CA GLU C 42 10.21 24.77 5.56
C GLU C 42 9.15 25.52 6.34
N ALA C 43 9.25 26.87 6.36
CA ALA C 43 8.26 27.71 7.02
C ALA C 43 7.26 28.25 5.99
N LYS C 44 5.97 28.12 6.33
CA LYS C 44 4.86 28.57 5.50
C LYS C 44 3.92 29.43 6.34
N ILE C 45 3.57 30.60 5.83
CA ILE C 45 2.62 31.45 6.50
C ILE C 45 1.84 32.15 5.41
N THR C 46 0.53 32.41 5.67
CA THR C 46 -0.31 33.27 4.85
C THR C 46 -0.60 34.55 5.64
N MET C 47 -0.68 35.66 4.91
CA MET C 47 -0.93 36.95 5.50
C MET C 47 -1.87 37.79 4.63
N LEU C 48 -2.74 38.55 5.32
CA LEU C 48 -3.69 39.45 4.71
C LEU C 48 -3.11 40.86 4.74
N THR C 49 -2.72 41.36 3.58
CA THR C 49 -2.39 42.76 3.41
C THR C 49 -3.33 43.32 2.34
N ASN C 50 -4.09 44.36 2.68
CA ASN C 50 -4.89 45.13 1.72
C ASN C 50 -5.72 44.21 0.83
N GLY C 51 -6.38 43.22 1.46
CA GLY C 51 -7.42 42.43 0.82
C GLY C 51 -6.89 41.18 0.10
N GLN C 52 -5.56 41.00 0.09
CA GLN C 52 -4.91 39.90 -0.61
C GLN C 52 -4.33 38.89 0.40
N CYS C 53 -4.46 37.61 0.08
CA CYS C 53 -3.77 36.55 0.85
C CYS C 53 -2.46 36.17 0.14
N GLN C 54 -1.33 36.73 0.61
CA GLN C 54 -0.01 36.29 0.20
C GLN C 54 0.38 35.05 1.01
N ASN C 55 0.54 33.91 0.31
CA ASN C 55 1.25 32.75 0.82
C ASN C 55 2.74 33.01 0.77
N ILE C 56 3.41 32.60 1.85
CA ILE C 56 4.83 32.77 1.99
C ILE C 56 5.40 31.40 2.34
N THR C 57 6.54 31.07 1.72
CA THR C 57 7.28 29.83 1.94
C THR C 57 8.76 30.19 2.00
N VAL C 58 9.40 29.99 3.16
CA VAL C 58 10.83 30.26 3.30
C VAL C 58 11.50 28.99 3.79
N VAL C 59 12.53 28.53 3.05
CA VAL C 59 13.38 27.43 3.48
C VAL C 59 14.49 28.03 4.36
N LEU C 60 14.69 27.40 5.53
CA LEU C 60 15.76 27.69 6.47
C LEU C 60 16.86 26.64 6.34
N HIS C 61 17.96 27.01 5.68
CA HIS C 61 19.05 26.10 5.41
C HIS C 61 19.92 26.00 6.67
N LYS C 62 20.16 24.78 7.15
CA LYS C 62 20.89 24.55 8.40
C LYS C 62 22.36 24.92 8.24
N THR C 63 22.91 25.69 9.19
CA THR C 63 24.35 25.86 9.29
C THR C 63 24.89 24.83 10.27
N SER C 64 26.16 24.99 10.68
CA SER C 64 26.81 24.10 11.64
C SER C 64 26.65 24.62 13.08
N GLU C 65 26.10 25.83 13.21
CA GLU C 65 25.80 26.41 14.50
C GLU C 65 24.39 26.00 14.90
N PRO C 66 24.19 25.54 16.16
CA PRO C 66 22.86 25.25 16.70
C PRO C 66 22.05 26.53 16.72
N GLY C 67 20.87 26.49 16.08
CA GLY C 67 19.94 27.61 16.07
C GLY C 67 20.15 28.56 14.90
N LYS C 68 21.30 28.44 14.22
CA LYS C 68 21.61 29.37 13.10
C LYS C 68 21.23 28.70 11.77
N TYR C 69 20.50 29.44 10.94
CA TYR C 69 20.06 28.99 9.63
C TYR C 69 20.23 30.15 8.64
N THR C 70 20.37 29.83 7.34
CA THR C 70 20.35 30.84 6.30
C THR C 70 19.05 30.73 5.51
N ALA C 71 18.62 31.85 4.92
CA ALA C 71 17.55 31.85 3.93
C ALA C 71 17.83 32.92 2.88
N TYR C 72 16.92 33.02 1.89
CA TYR C 72 17.02 34.03 0.83
C TYR C 72 18.40 33.97 0.20
N GLU C 73 18.84 32.77 -0.19
CA GLU C 73 20.14 32.61 -0.82
C GLU C 73 21.25 33.15 0.08
N GLY C 74 21.18 32.87 1.38
CA GLY C 74 22.30 33.12 2.28
C GLY C 74 22.53 34.59 2.61
N GLN C 75 21.63 35.48 2.17
CA GLN C 75 21.74 36.90 2.48
C GLN C 75 21.16 37.23 3.85
N ARG C 76 20.39 36.30 4.41
CA ARG C 76 19.67 36.52 5.66
C ARG C 76 19.98 35.38 6.62
N VAL C 77 20.55 35.76 7.77
CA VAL C 77 20.82 34.81 8.84
C VAL C 77 19.61 34.86 9.78
N VAL C 78 19.14 33.67 10.20
CA VAL C 78 18.03 33.53 11.11
C VAL C 78 18.47 32.69 12.31
N PHE C 79 18.20 33.22 13.50
CA PHE C 79 18.58 32.60 14.76
C PHE C 79 17.33 32.17 15.53
N ILE C 80 17.21 30.87 15.78
CA ILE C 80 16.04 30.31 16.50
C ILE C 80 16.47 29.93 17.93
N GLN C 81 15.59 30.19 18.90
CA GLN C 81 15.92 30.17 20.35
C GLN C 81 14.62 30.16 21.15
N PRO C 82 14.50 29.33 22.21
CA PRO C 82 13.28 29.28 23.00
C PRO C 82 13.06 30.53 23.86
N SER C 83 11.79 30.86 24.12
CA SER C 83 11.45 31.79 25.18
C SER C 83 11.77 31.11 26.51
N PRO C 84 12.03 31.88 27.58
CA PRO C 84 11.93 31.35 28.94
C PRO C 84 10.51 30.88 29.24
N VAL C 85 9.52 31.51 28.57
CA VAL C 85 8.11 31.22 28.78
C VAL C 85 7.79 29.93 28.02
N ARG C 86 7.03 29.07 28.68
CA ARG C 86 6.71 27.74 28.13
C ARG C 86 6.02 27.95 26.77
N ASP C 87 6.38 27.11 25.80
CA ASP C 87 5.66 27.00 24.55
C ASP C 87 5.84 28.25 23.71
N HIS C 88 6.94 28.97 23.93
CA HIS C 88 7.25 30.15 23.09
C HIS C 88 8.66 30.02 22.52
N TYR C 89 8.87 30.59 21.35
CA TYR C 89 10.21 30.72 20.73
C TYR C 89 10.38 32.14 20.21
N ILE C 90 11.64 32.55 20.07
CA ILE C 90 12.00 33.84 19.40
C ILE C 90 12.80 33.51 18.13
N LEU C 91 12.45 34.16 17.02
CA LEU C 91 13.29 34.15 15.79
C LEU C 91 13.95 35.53 15.65
N TYR C 92 15.28 35.57 15.77
CA TYR C 92 16.04 36.78 15.50
C TYR C 92 16.64 36.61 14.11
N SER C 93 16.72 37.72 13.37
CA SER C 93 17.12 37.67 11.98
C SER C 93 17.82 38.96 11.57
N GLU C 94 18.91 38.87 10.80
CA GLU C 94 19.52 40.06 10.23
C GLU C 94 20.00 39.77 8.80
N GLY C 95 20.34 40.83 8.08
CA GLY C 95 20.71 40.69 6.66
C GLY C 95 19.74 41.47 5.81
N GLU C 96 19.86 41.35 4.50
CA GLU C 96 18.95 42.08 3.57
C GLU C 96 17.59 41.39 3.59
N LEU C 97 16.51 42.16 3.39
CA LEU C 97 15.16 41.54 3.31
C LEU C 97 14.67 41.61 1.85
N HIS C 98 14.33 42.80 1.37
CA HIS C 98 13.89 42.96 -0.04
C HIS C 98 14.44 44.28 -0.60
N GLY C 99 15.77 44.40 -0.61
CA GLY C 99 16.41 45.63 -1.13
C GLY C 99 17.12 46.40 -0.03
N ARG C 100 16.69 46.23 1.22
CA ARG C 100 17.29 47.01 2.32
C ARG C 100 17.57 46.11 3.52
N GLN C 101 18.69 46.34 4.20
CA GLN C 101 19.03 45.55 5.41
C GLN C 101 18.05 45.90 6.54
N ILE C 102 17.31 44.90 7.04
CA ILE C 102 16.30 45.14 8.11
C ILE C 102 16.51 44.09 9.22
N ARG C 103 17.10 44.51 10.34
CA ARG C 103 17.28 43.60 11.46
C ARG C 103 15.96 43.45 12.19
N MET C 104 15.53 42.20 12.39
CA MET C 104 14.12 41.88 12.72
C MET C 104 14.05 40.86 13.87
N ALA C 105 12.87 40.71 14.47
CA ALA C 105 12.63 39.65 15.43
C ALA C 105 11.14 39.31 15.46
N LYS C 106 10.86 38.06 15.85
CA LYS C 106 9.54 37.47 15.77
C LYS C 106 9.27 36.63 17.01
N LEU C 107 8.01 36.56 17.44
CA LEU C 107 7.67 35.84 18.66
C LEU C 107 6.66 34.76 18.31
N LEU C 108 7.01 33.52 18.64
CA LEU C 108 6.18 32.39 18.26
C LEU C 108 5.65 31.78 19.54
N GLY C 109 4.42 31.26 19.46
CA GLY C 109 3.83 30.46 20.53
C GLY C 109 2.95 29.37 19.95
N ARG C 110 2.71 28.31 20.74
CA ARG C 110 1.88 27.20 20.30
C ARG C 110 0.40 27.60 20.35
N ASP C 111 0.09 28.54 21.24
CA ASP C 111 -1.29 28.94 21.49
C ASP C 111 -1.46 30.39 21.05
N PRO C 112 -2.62 30.73 20.44
CA PRO C 112 -2.80 32.07 19.90
C PRO C 112 -2.76 33.18 20.96
N GLU C 113 -3.38 32.92 22.12
CA GLU C 113 -3.57 33.91 23.17
C GLU C 113 -2.22 34.48 23.62
N GLN C 114 -2.13 35.81 23.58
CA GLN C 114 -0.95 36.55 23.98
C GLN C 114 -0.63 36.32 25.46
N SER C 115 0.66 36.07 25.72
CA SER C 115 1.21 36.00 27.07
C SER C 115 2.00 37.29 27.33
N GLN C 116 1.46 38.11 28.26
CA GLN C 116 2.12 39.35 28.68
C GLN C 116 3.51 39.01 29.22
N GLU C 117 3.67 37.78 29.72
CA GLU C 117 4.94 37.27 30.18
C GLU C 117 5.90 37.06 29.00
N ALA C 118 5.43 36.39 27.93
CA ALA C 118 6.27 36.13 26.76
C ALA C 118 6.65 37.45 26.10
N LEU C 119 5.71 38.40 26.11
CA LEU C 119 5.83 39.70 25.44
C LEU C 119 6.84 40.60 26.14
N GLU C 120 6.95 40.47 27.47
CA GLU C 120 7.99 41.17 28.21
C GLU C 120 9.35 40.64 27.75
N ASP C 121 9.56 39.34 27.96
CA ASP C 121 10.77 38.67 27.52
C ASP C 121 11.13 39.11 26.11
N PHE C 122 10.11 39.14 25.24
CA PHE C 122 10.36 39.60 23.88
C PHE C 122 10.94 41.01 23.93
N ARG C 123 10.30 41.91 24.70
CA ARG C 123 10.65 43.33 24.73
C ARG C 123 12.09 43.52 25.25
N GLU C 124 12.45 42.72 26.26
CA GLU C 124 13.81 42.68 26.76
C GLU C 124 14.74 42.32 25.60
N PHE C 125 14.64 41.07 25.14
CA PHE C 125 15.53 40.56 24.05
C PHE C 125 15.63 41.59 22.95
N SER C 126 14.49 42.02 22.44
CA SER C 126 14.49 42.92 21.27
C SER C 126 15.30 44.20 21.57
N ARG C 127 15.01 44.84 22.70
CA ARG C 127 15.71 46.10 23.03
C ARG C 127 17.21 45.83 23.14
N ALA C 128 17.58 44.74 23.82
CA ALA C 128 19.01 44.38 23.96
C ALA C 128 19.62 44.17 22.58
N LYS C 129 18.83 43.62 21.66
CA LYS C 129 19.38 43.31 20.31
C LYS C 129 19.35 44.59 19.47
N GLY C 130 18.95 45.72 20.07
CA GLY C 130 18.84 46.97 19.31
C GLY C 130 17.56 46.96 18.52
N LEU C 131 16.70 47.97 18.71
CA LEU C 131 15.33 47.86 18.17
C LEU C 131 14.63 49.23 18.19
N ASN C 132 13.54 49.38 17.42
CA ASN C 132 12.73 50.61 17.58
C ASN C 132 11.95 50.42 18.89
N GLN C 133 12.00 49.21 19.44
CA GLN C 133 11.28 48.89 20.71
C GLN C 133 9.79 49.14 20.52
N GLU C 134 9.30 49.05 19.28
CA GLU C 134 7.85 49.25 19.01
C GLU C 134 7.17 47.88 18.87
N ILE C 135 7.07 47.13 19.96
CA ILE C 135 6.51 45.76 19.90
C ILE C 135 5.15 45.78 19.19
N LEU C 136 5.04 45.13 18.04
CA LEU C 136 3.75 45.06 17.32
C LEU C 136 3.14 43.67 17.48
N GLU C 137 1.93 43.59 18.04
CA GLU C 137 1.22 42.29 18.14
C GLU C 137 0.51 42.04 16.80
N LEU C 138 -0.01 40.83 16.58
CA LEU C 138 -0.61 40.53 15.25
C LEU C 138 -1.94 39.80 15.41
N ALA C 139 -2.95 40.22 14.65
CA ALA C 139 -4.24 39.57 14.63
C ALA C 139 -4.11 38.22 13.95
N GLN C 140 -4.99 37.27 14.30
CA GLN C 140 -4.89 35.85 13.99
C GLN C 140 -6.20 35.31 13.41
N SER C 141 -6.13 34.63 12.26
CA SER C 141 -7.22 33.77 11.81
C SER C 141 -6.66 32.44 11.35
N GLU C 142 -7.54 31.44 11.18
CA GLU C 142 -7.13 30.08 10.91
C GLU C 142 -7.06 29.85 9.40
N THR C 143 -7.98 30.46 8.65
CA THR C 143 -7.80 30.61 7.22
C THR C 143 -7.80 32.11 6.92
N CYS C 144 -7.50 32.43 5.67
CA CYS C 144 -7.44 33.81 5.21
C CYS C 144 -8.70 34.15 4.40
C1 NAG D . 22.90 -7.74 4.88
C2 NAG D . 23.88 -8.86 4.46
C3 NAG D . 25.33 -8.48 4.72
C4 NAG D . 25.59 -6.98 4.68
C5 NAG D . 24.66 -6.28 5.65
C6 NAG D . 24.97 -4.81 5.86
C7 NAG D . 23.49 -11.31 4.30
C8 NAG D . 24.57 -12.36 4.50
N2 NAG D . 23.63 -10.18 5.02
O3 NAG D . 26.08 -9.17 3.73
O4 NAG D . 26.93 -6.69 5.08
O5 NAG D . 23.33 -6.40 5.10
O6 NAG D . 25.30 -4.10 4.66
O7 NAG D . 22.55 -11.51 3.55
N1 EPE E . -5.26 -32.13 0.04
C2 EPE E . -5.11 -33.30 -0.86
C3 EPE E . -3.66 -33.56 -1.15
N4 EPE E . -2.90 -32.31 -1.25
C5 EPE E . -3.80 -31.27 -1.73
C6 EPE E . -4.85 -30.93 -0.69
C7 EPE E . -1.74 -32.47 -2.12
C8 EPE E . -2.08 -32.83 -3.55
O8 EPE E . -0.94 -32.79 -4.37
C9 EPE E . -6.62 -32.01 0.57
C10 EPE E . -6.86 -30.73 1.34
S EPE E . -6.17 -30.81 2.98
O1S EPE E . -6.17 -29.47 3.49
O2S EPE E . -4.93 -31.52 2.88
O3S EPE E . -7.20 -31.68 3.74
S SO4 F . 14.80 9.03 18.31
O1 SO4 F . 14.34 9.63 19.54
O2 SO4 F . 15.11 7.63 18.52
O3 SO4 F . 13.78 9.19 17.30
O4 SO4 F . 15.99 9.72 17.88
S SO4 G . 10.91 -12.30 -19.12
O1 SO4 G . 12.17 -11.64 -19.25
O2 SO4 G . 10.32 -11.97 -17.84
O3 SO4 G . 10.02 -11.88 -20.17
O4 SO4 G . 11.12 -13.73 -19.18
S SO4 H . -2.82 -5.95 -21.20
O1 SO4 H . -1.69 -6.52 -20.53
O2 SO4 H . -3.76 -5.44 -20.23
O3 SO4 H . -2.37 -4.87 -22.05
O4 SO4 H . -3.47 -6.97 -22.00
S SO4 I . 4.63 -35.73 -1.11
O1 SO4 I . 5.73 -36.63 -1.32
O2 SO4 I . 4.43 -34.96 -2.30
O3 SO4 I . 3.42 -36.46 -0.81
O4 SO4 I . 4.94 -34.85 -0.01
S SO4 J . 24.80 -1.31 1.53
O1 SO4 J . 26.18 -0.92 1.40
O2 SO4 J . 24.34 -1.89 0.29
O3 SO4 J . 24.66 -2.29 2.58
O4 SO4 J . 24.01 -0.15 1.84
S SO4 K . 22.28 2.60 -5.46
O1 SO4 K . 21.75 2.44 -6.79
O2 SO4 K . 21.29 3.20 -4.60
O3 SO4 K . 22.64 1.31 -4.92
O4 SO4 K . 23.46 3.43 -5.50
N1 EPE L . -10.60 13.54 23.32
C2 EPE L . -10.18 14.03 22.00
C3 EPE L . -10.84 15.35 21.69
N4 EPE L . -12.30 15.20 21.68
C5 EPE L . -12.73 14.71 23.00
C6 EPE L . -12.06 13.40 23.32
C7 EPE L . -12.95 16.48 21.34
C8 EPE L . -14.45 16.40 21.25
O8 EPE L . -14.86 15.37 20.38
C9 EPE L . -9.93 12.28 23.65
C10 EPE L . -10.32 11.73 25.02
S EPE L . -9.29 10.36 25.46
O1S EPE L . -7.96 10.87 25.59
O2S EPE L . -9.55 9.33 24.50
O3S EPE L . -9.83 9.92 26.84
S SO4 M . 13.42 12.63 16.45
O1 SO4 M . 12.05 12.69 16.92
O2 SO4 M . 13.43 11.93 15.20
O3 SO4 M . 13.94 13.98 16.27
O4 SO4 M . 14.22 11.96 17.42
S SO4 N . -6.64 -9.87 3.60
O1 SO4 N . -6.22 -10.84 4.58
O2 SO4 N . -7.85 -10.33 2.97
O3 SO4 N . -6.86 -8.60 4.27
O4 SO4 N . -5.62 -9.71 2.58
S SO4 O . -12.04 20.45 12.30
O1 SO4 O . -11.10 19.43 12.63
O2 SO4 O . -13.32 19.85 12.05
O3 SO4 O . -12.16 21.37 13.39
O4 SO4 O . -11.61 21.15 11.13
S SO4 P . -2.57 18.43 21.54
O1 SO4 P . -1.92 19.55 20.88
O2 SO4 P . -3.33 17.62 20.58
O3 SO4 P . -1.55 17.61 22.18
O4 SO4 P . -3.48 18.96 22.53
S SO4 Q . -2.00 -39.47 -3.62
O1 SO4 Q . -0.98 -39.69 -4.61
O2 SO4 Q . -2.92 -38.46 -4.09
O3 SO4 Q . -2.70 -40.71 -3.39
O4 SO4 Q . -1.39 -39.03 -2.39
S SO4 R . -12.91 -10.04 7.15
O1 SO4 R . -12.44 -11.39 7.04
O2 SO4 R . -12.84 -9.39 5.86
O3 SO4 R . -14.27 -10.01 7.60
O4 SO4 R . -12.07 -9.33 8.09
S SO4 S . -0.69 18.23 28.05
O1 SO4 S . -0.45 18.50 29.44
O2 SO4 S . -1.31 16.94 27.92
O3 SO4 S . -1.55 19.26 27.51
O4 SO4 S . 0.56 18.23 27.34
#